data_9H0S
#
_entry.id   9H0S
#
_cell.length_a   57.450
_cell.length_b   57.450
_cell.length_c   114.910
_cell.angle_alpha   90.00
_cell.angle_beta   90.00
_cell.angle_gamma   90.00
#
_symmetry.space_group_name_H-M   'P 43 21 2'
#
loop_
_entity.id
_entity.type
_entity.pdbx_description
1 polymer 'Peptidyl-prolyl cis-trans isomerase F, mitochondrial'
2 non-polymer 1-[(4-aminophenyl)methyl]-3-[2-[2-(2-bromophenyl)pyrazolidin-1-yl]-2-oxidanylidene-ethyl]urea
3 non-polymer 1,2-ETHANEDIOL
4 non-polymer 'PENTAETHYLENE GLYCOL'
5 non-polymer 'TRIETHYLENE GLYCOL'
6 non-polymer 'PHOSPHATE ION'
7 non-polymer 'SODIUM ION'
8 water water
#
_entity_poly.entity_id   1
_entity_poly.type   'polypeptide(L)'
_entity_poly.pdbx_seq_one_letter_code
;MGNPLVYLDVDANGKPLGRVVLELKADVVPKTAENFRALCTGEKGFGYKGSTFHRVIPSFMCQAGDFTNHNGTGGKSIYG
SRFPDENFTLKHVGPGVLSMANAGPNTNGSQFFICTIKTDWLDGKHVVFGHVIEGMDVVKKIESFGSKSGRTSKKIVITD
CGQLS
;
_entity_poly.pdbx_strand_id   A
#
# COMPACT_ATOMS: atom_id res chain seq x y z
N GLY A 2 7.41 9.58 -17.06
CA GLY A 2 8.36 8.83 -16.26
C GLY A 2 7.71 7.96 -15.21
N ASN A 3 8.10 8.15 -13.95
CA ASN A 3 7.53 7.37 -12.85
C ASN A 3 6.18 7.94 -12.46
N PRO A 4 5.15 7.10 -12.36
CA PRO A 4 3.82 7.60 -11.97
C PRO A 4 3.83 8.26 -10.60
N LEU A 5 2.98 9.27 -10.46
CA LEU A 5 2.67 9.91 -9.19
C LEU A 5 1.21 9.61 -8.89
N VAL A 6 0.94 8.89 -7.80
CA VAL A 6 -0.42 8.50 -7.45
C VAL A 6 -0.75 8.99 -6.04
N TYR A 7 -2.03 8.91 -5.68
CA TYR A 7 -2.47 9.37 -4.37
C TYR A 7 -3.52 8.43 -3.76
N LEU A 8 -3.58 8.46 -2.43
CA LEU A 8 -4.63 7.84 -1.64
C LEU A 8 -5.21 8.89 -0.71
N ASP A 9 -6.53 9.07 -0.72
CA ASP A 9 -7.22 9.90 0.26
C ASP A 9 -7.80 8.97 1.32
N VAL A 10 -7.45 9.21 2.58
CA VAL A 10 -7.72 8.28 3.66
C VAL A 10 -8.59 8.95 4.73
N ASP A 11 -9.60 8.24 5.21
CA ASP A 11 -10.38 8.72 6.33
C ASP A 11 -10.36 7.71 7.49
N ALA A 12 -10.76 8.19 8.66
CA ALA A 12 -10.89 7.36 9.85
C ALA A 12 -12.30 7.57 10.40
N ASN A 13 -13.08 6.49 10.46
CA ASN A 13 -14.49 6.57 10.88
C ASN A 13 -15.24 7.65 10.11
N GLY A 14 -14.98 7.75 8.81
CA GLY A 14 -15.66 8.69 7.97
C GLY A 14 -15.20 10.12 8.05
N LYS A 15 -14.09 10.39 8.73
CA LYS A 15 -13.55 11.74 8.85
C LYS A 15 -12.22 11.81 8.12
N PRO A 16 -12.05 12.75 7.20
CA PRO A 16 -10.84 12.74 6.36
C PRO A 16 -9.58 13.02 7.15
N LEU A 17 -8.55 12.22 6.86
CA LEU A 17 -7.23 12.39 7.43
C LEU A 17 -6.27 13.14 6.50
N GLY A 18 -6.57 13.20 5.20
CA GLY A 18 -5.68 13.83 4.26
C GLY A 18 -5.28 12.91 3.13
N ARG A 19 -4.24 13.30 2.40
CA ARG A 19 -3.83 12.64 1.17
C ARG A 19 -2.39 12.16 1.28
N VAL A 20 -2.15 10.93 0.84
CA VAL A 20 -0.80 10.37 0.72
C VAL A 20 -0.46 10.33 -0.77
N VAL A 21 0.65 10.96 -1.16
CA VAL A 21 1.12 10.95 -2.53
C VAL A 21 2.32 10.04 -2.62
N LEU A 22 2.32 9.14 -3.61
CA LEU A 22 3.35 8.11 -3.75
C LEU A 22 3.97 8.19 -5.13
N GLU A 23 5.29 8.05 -5.21
CA GLU A 23 5.98 7.84 -6.47
C GLU A 23 6.14 6.34 -6.65
N LEU A 24 5.80 5.86 -7.85
CA LEU A 24 5.91 4.45 -8.19
C LEU A 24 7.12 4.28 -9.10
N LYS A 25 8.06 3.42 -8.70
CA LYS A 25 9.36 3.30 -9.35
C LYS A 25 9.26 2.39 -10.57
N ALA A 26 8.55 2.88 -11.58
CA ALA A 26 8.40 2.13 -12.82
C ALA A 26 9.73 1.96 -13.55
N ASP A 27 10.71 2.82 -13.26
CA ASP A 27 12.03 2.66 -13.85
C ASP A 27 12.78 1.43 -13.32
N VAL A 28 12.38 0.91 -12.16
CA VAL A 28 13.05 -0.22 -11.54
C VAL A 28 12.17 -1.48 -11.54
N VAL A 29 10.89 -1.31 -11.23
CA VAL A 29 9.95 -2.44 -11.14
C VAL A 29 8.72 -2.06 -11.95
N PRO A 30 8.81 -2.06 -13.29
CA PRO A 30 7.65 -1.60 -14.10
C PRO A 30 6.38 -2.40 -13.91
N LYS A 31 6.47 -3.73 -13.76
CA LYS A 31 5.25 -4.54 -13.65
C LYS A 31 4.55 -4.31 -12.32
N THR A 32 5.34 -4.16 -11.25
CA THR A 32 4.78 -3.93 -9.92
C THR A 32 4.23 -2.52 -9.82
N ALA A 33 4.93 -1.54 -10.38
CA ALA A 33 4.42 -0.18 -10.39
C ALA A 33 3.13 -0.08 -11.18
N GLU A 34 3.05 -0.76 -12.33
CA GLU A 34 1.86 -0.64 -13.15
C GLU A 34 0.64 -1.26 -12.46
N ASN A 35 0.83 -2.39 -11.78
CA ASN A 35 -0.26 -2.97 -11.01
C ASN A 35 -0.83 -1.97 -10.01
N PHE A 36 0.05 -1.37 -9.21
CA PHE A 36 -0.43 -0.42 -8.20
C PHE A 36 -1.08 0.79 -8.84
N ARG A 37 -0.48 1.32 -9.91
CA ARG A 37 -1.03 2.47 -10.60
C ARG A 37 -2.45 2.21 -11.07
N ALA A 38 -2.65 1.08 -11.76
CA ALA A 38 -3.99 0.77 -12.27
C ALA A 38 -4.98 0.47 -11.15
N LEU A 39 -4.52 -0.11 -10.04
CA LEU A 39 -5.43 -0.33 -8.92
C LEU A 39 -5.85 0.99 -8.26
N CYS A 40 -5.01 2.04 -8.37
CA CYS A 40 -5.37 3.36 -7.88
C CYS A 40 -6.41 4.04 -8.77
N THR A 41 -6.28 3.88 -10.10
CA THR A 41 -7.25 4.53 -10.98
C THR A 41 -8.55 3.75 -11.09
N GLY A 42 -8.54 2.45 -10.78
CA GLY A 42 -9.71 1.61 -10.97
C GLY A 42 -10.00 1.24 -12.41
N GLU A 43 -9.07 1.49 -13.33
CA GLU A 43 -9.36 1.40 -14.76
C GLU A 43 -9.61 -0.02 -15.25
N LYS A 44 -9.24 -1.05 -14.49
CA LYS A 44 -9.54 -2.42 -14.85
C LYS A 44 -10.88 -2.88 -14.32
N GLY A 45 -11.60 -2.03 -13.59
CA GLY A 45 -12.89 -2.38 -13.04
C GLY A 45 -12.86 -2.74 -11.58
N PHE A 46 -11.70 -2.70 -10.93
CA PHE A 46 -11.57 -2.96 -9.51
C PHE A 46 -10.33 -2.23 -9.02
N GLY A 47 -10.20 -2.13 -7.71
CA GLY A 47 -9.03 -1.48 -7.15
C GLY A 47 -9.27 -1.03 -5.72
N TYR A 48 -8.44 -0.08 -5.29
CA TYR A 48 -8.32 0.25 -3.88
C TYR A 48 -9.45 1.13 -3.35
N LYS A 49 -10.17 1.85 -4.21
CA LYS A 49 -11.19 2.77 -3.72
C LYS A 49 -12.20 2.03 -2.87
N GLY A 50 -12.43 2.52 -1.65
CA GLY A 50 -13.40 1.93 -0.76
C GLY A 50 -12.87 0.82 0.13
N SER A 51 -11.59 0.47 0.03
CA SER A 51 -11.02 -0.59 0.86
C SER A 51 -10.31 0.04 2.07
N THR A 52 -9.73 -0.82 2.92
CA THR A 52 -9.28 -0.41 4.24
C THR A 52 -7.80 -0.68 4.47
N PHE A 53 -7.25 0.04 5.46
CA PHE A 53 -6.00 -0.35 6.10
C PHE A 53 -6.41 -1.33 7.21
N HIS A 54 -6.20 -2.62 6.97
CA HIS A 54 -6.69 -3.64 7.89
C HIS A 54 -5.69 -4.01 8.97
N ARG A 55 -4.40 -3.71 8.80
CA ARG A 55 -3.40 -4.04 9.80
C ARG A 55 -2.45 -2.87 9.92
N VAL A 56 -2.42 -2.23 11.09
CA VAL A 56 -1.62 -1.04 11.31
C VAL A 56 -0.85 -1.27 12.61
N ILE A 57 0.47 -1.37 12.52
CA ILE A 57 1.32 -1.67 13.67
C ILE A 57 2.26 -0.50 13.89
N PRO A 58 2.09 0.24 14.98
CA PRO A 58 2.96 1.40 15.23
C PRO A 58 4.42 0.99 15.32
N SER A 59 5.29 1.88 14.86
CA SER A 59 6.72 1.62 14.78
C SER A 59 7.05 0.45 13.86
N PHE A 60 6.22 0.23 12.85
CA PHE A 60 6.46 -0.83 11.87
C PHE A 60 5.91 -0.39 10.51
N MET A 61 4.60 -0.54 10.28
CA MET A 61 4.04 -0.25 8.97
C MET A 61 2.51 -0.22 9.02
N CYS A 62 1.92 0.33 7.97
CA CYS A 62 0.48 0.34 7.74
C CYS A 62 0.20 -0.47 6.49
N GLN A 63 -0.67 -1.48 6.61
CA GLN A 63 -0.93 -2.44 5.52
C GLN A 63 -2.36 -2.31 5.02
N ALA A 64 -2.54 -2.36 3.70
CA ALA A 64 -3.83 -2.18 3.07
C ALA A 64 -3.89 -3.01 1.80
N GLY A 65 -4.97 -2.84 1.05
CA GLY A 65 -5.05 -3.35 -0.31
C GLY A 65 -5.85 -4.61 -0.50
N ASP A 66 -6.42 -5.19 0.56
CA ASP A 66 -7.27 -6.37 0.40
C ASP A 66 -8.68 -5.87 0.10
N PHE A 67 -8.95 -5.59 -1.18
CA PHE A 67 -10.25 -5.08 -1.58
C PHE A 67 -11.26 -6.17 -1.88
N THR A 68 -10.90 -7.46 -1.72
CA THR A 68 -11.84 -8.56 -1.96
C THR A 68 -12.41 -9.13 -0.67
N ASN A 69 -11.56 -9.37 0.33
CA ASN A 69 -12.00 -9.93 1.60
C ASN A 69 -11.93 -8.95 2.76
N HIS A 70 -11.21 -7.82 2.60
CA HIS A 70 -11.11 -6.76 3.61
C HIS A 70 -10.53 -7.23 4.94
N ASN A 71 -9.75 -8.30 4.93
CA ASN A 71 -9.24 -8.83 6.20
C ASN A 71 -7.81 -9.33 6.11
N GLY A 72 -7.12 -9.15 4.99
CA GLY A 72 -5.75 -9.57 4.87
C GLY A 72 -5.56 -10.92 4.21
N THR A 73 -6.63 -11.61 3.84
CA THR A 73 -6.49 -12.88 3.14
C THR A 73 -6.63 -12.76 1.64
N GLY A 74 -7.09 -11.61 1.15
CA GLY A 74 -7.44 -11.50 -0.25
C GLY A 74 -6.71 -10.42 -1.03
N GLY A 75 -7.42 -9.87 -2.00
CA GLY A 75 -6.83 -9.00 -3.01
C GLY A 75 -6.48 -9.78 -4.27
N LYS A 76 -6.25 -9.03 -5.34
CA LYS A 76 -5.85 -9.62 -6.62
C LYS A 76 -5.15 -8.55 -7.43
N SER A 77 -4.29 -8.98 -8.35
CA SER A 77 -3.58 -8.04 -9.21
C SER A 77 -4.33 -7.82 -10.51
N ILE A 78 -3.89 -6.82 -11.27
CA ILE A 78 -4.45 -6.58 -12.60
C ILE A 78 -4.09 -7.68 -13.59
N TYR A 79 -3.15 -8.57 -13.25
CA TYR A 79 -2.71 -9.63 -14.14
C TYR A 79 -3.42 -10.95 -13.88
N GLY A 80 -3.99 -11.12 -12.70
CA GLY A 80 -4.44 -12.41 -12.24
C GLY A 80 -4.41 -12.40 -10.73
N SER A 81 -4.56 -13.59 -10.14
CA SER A 81 -4.62 -13.65 -8.68
CA SER A 81 -4.61 -13.66 -8.67
C SER A 81 -3.29 -13.26 -8.04
N ARG A 82 -2.17 -13.67 -8.64
CA ARG A 82 -0.84 -13.43 -8.09
C ARG A 82 0.14 -13.21 -9.23
N PHE A 83 1.24 -12.53 -8.95
CA PHE A 83 2.29 -12.36 -9.93
C PHE A 83 3.66 -12.50 -9.27
N PRO A 84 4.70 -12.84 -10.04
CA PRO A 84 6.01 -13.10 -9.46
C PRO A 84 6.65 -11.87 -8.83
N ASP A 85 7.59 -12.13 -7.93
CA ASP A 85 8.46 -11.08 -7.40
C ASP A 85 9.35 -10.56 -8.53
N GLU A 86 9.21 -9.26 -8.85
CA GLU A 86 9.85 -8.70 -10.02
C GLU A 86 11.36 -8.62 -9.85
N ASN A 87 11.80 -7.98 -8.76
CA ASN A 87 13.19 -7.97 -8.34
C ASN A 87 13.20 -7.43 -6.92
N PHE A 88 14.36 -7.49 -6.29
CA PHE A 88 14.56 -6.95 -4.95
C PHE A 88 15.59 -5.82 -4.96
N THR A 89 15.62 -5.04 -6.04
CA THR A 89 16.64 -4.01 -6.20
C THR A 89 16.48 -2.89 -5.18
N LEU A 90 15.25 -2.42 -4.97
CA LEU A 90 15.01 -1.38 -3.98
C LEU A 90 14.88 -1.99 -2.59
N LYS A 91 15.38 -1.28 -1.59
CA LYS A 91 15.45 -1.79 -0.23
C LYS A 91 14.54 -1.01 0.71
N HIS A 92 14.29 -1.59 1.88
CA HIS A 92 13.45 -0.98 2.90
C HIS A 92 14.36 -0.09 3.74
N VAL A 93 14.60 1.12 3.21
CA VAL A 93 15.63 2.00 3.75
C VAL A 93 15.15 2.89 4.90
N GLY A 94 13.85 3.06 5.08
CA GLY A 94 13.34 3.92 6.13
C GLY A 94 11.85 4.15 6.05
N PRO A 95 11.36 5.08 6.87
CA PRO A 95 9.93 5.44 6.82
C PRO A 95 9.56 5.98 5.46
N GLY A 96 8.36 5.62 4.99
CA GLY A 96 7.83 6.09 3.73
C GLY A 96 8.02 5.13 2.57
N VAL A 97 8.76 4.03 2.79
CA VAL A 97 8.91 3.00 1.77
C VAL A 97 7.57 2.32 1.48
N LEU A 98 7.28 2.12 0.19
CA LEU A 98 6.06 1.44 -0.27
C LEU A 98 6.47 0.08 -0.82
N SER A 99 5.86 -0.98 -0.31
CA SER A 99 6.33 -2.34 -0.60
C SER A 99 5.14 -3.30 -0.69
N MET A 100 5.34 -4.42 -1.38
CA MET A 100 4.27 -5.41 -1.55
C MET A 100 4.20 -6.38 -0.36
N ALA A 101 3.00 -6.55 0.19
CA ALA A 101 2.77 -7.64 1.13
C ALA A 101 2.74 -8.97 0.34
N ASN A 102 2.97 -10.08 1.04
CA ASN A 102 2.92 -11.34 0.33
C ASN A 102 2.67 -12.49 1.29
N ALA A 103 2.44 -13.66 0.71
CA ALA A 103 2.26 -14.91 1.42
C ALA A 103 3.40 -15.86 1.06
N GLY A 104 4.62 -15.33 0.97
CA GLY A 104 5.77 -16.08 0.55
C GLY A 104 6.18 -15.71 -0.87
N PRO A 105 7.16 -16.44 -1.41
CA PRO A 105 7.69 -16.09 -2.74
C PRO A 105 6.61 -16.09 -3.80
N ASN A 106 6.66 -15.06 -4.66
CA ASN A 106 5.85 -15.02 -5.88
C ASN A 106 4.34 -15.03 -5.60
N THR A 107 3.91 -14.26 -4.61
CA THR A 107 2.49 -14.18 -4.25
C THR A 107 2.00 -12.74 -4.17
N ASN A 108 2.60 -11.84 -4.94
CA ASN A 108 2.11 -10.47 -4.99
C ASN A 108 0.72 -10.41 -5.59
N GLY A 109 -0.16 -9.66 -4.96
CA GLY A 109 -1.51 -9.50 -5.46
C GLY A 109 -1.83 -8.02 -5.52
N SER A 110 -2.59 -7.54 -4.54
CA SER A 110 -2.83 -6.12 -4.38
C SER A 110 -2.45 -5.56 -3.02
N GLN A 111 -2.27 -6.41 -2.00
CA GLN A 111 -1.95 -5.89 -0.67
C GLN A 111 -0.55 -5.27 -0.65
N PHE A 112 -0.43 -4.17 0.10
CA PHE A 112 0.80 -3.41 0.14
C PHE A 112 0.93 -2.81 1.53
N PHE A 113 2.10 -2.23 1.80
CA PHE A 113 2.33 -1.55 3.07
C PHE A 113 3.21 -0.34 2.89
N ILE A 114 3.06 0.61 3.80
CA ILE A 114 3.88 1.81 3.87
C ILE A 114 4.61 1.75 5.20
N CYS A 115 5.94 1.78 5.16
CA CYS A 115 6.74 1.64 6.36
C CYS A 115 6.72 2.92 7.17
N THR A 116 6.75 2.78 8.49
CA THR A 116 6.93 3.91 9.39
C THR A 116 8.26 3.84 10.13
N ILE A 117 9.10 2.84 9.81
CA ILE A 117 10.48 2.73 10.27
C ILE A 117 11.26 2.05 9.14
N LYS A 118 12.58 1.99 9.30
CA LYS A 118 13.42 1.18 8.44
C LYS A 118 13.16 -0.30 8.73
N THR A 119 12.67 -1.03 7.71
CA THR A 119 12.38 -2.45 7.88
C THR A 119 13.31 -3.29 7.00
N ASP A 120 14.62 -3.13 7.17
CA ASP A 120 15.55 -3.79 6.28
C ASP A 120 15.56 -5.31 6.43
N TRP A 121 14.98 -5.84 7.51
CA TRP A 121 14.84 -7.28 7.64
C TRP A 121 13.85 -7.87 6.65
N LEU A 122 13.15 -7.02 5.90
CA LEU A 122 12.28 -7.46 4.82
C LEU A 122 12.97 -7.42 3.46
N ASP A 123 14.19 -6.88 3.38
CA ASP A 123 14.92 -6.84 2.12
C ASP A 123 15.09 -8.24 1.56
N GLY A 124 14.85 -8.38 0.25
CA GLY A 124 14.94 -9.67 -0.39
C GLY A 124 13.73 -10.55 -0.22
N LYS A 125 12.78 -10.15 0.61
CA LYS A 125 11.54 -10.92 0.78
C LYS A 125 10.29 -10.20 0.29
N HIS A 126 10.27 -8.87 0.34
CA HIS A 126 9.16 -8.07 -0.14
C HIS A 126 9.66 -7.11 -1.20
N VAL A 127 8.89 -6.97 -2.27
CA VAL A 127 9.28 -6.13 -3.40
C VAL A 127 8.93 -4.68 -3.11
N VAL A 128 9.96 -3.83 -2.97
CA VAL A 128 9.76 -2.39 -2.81
C VAL A 128 9.53 -1.77 -4.17
N PHE A 129 8.55 -0.86 -4.27
CA PHE A 129 8.20 -0.32 -5.57
C PHE A 129 7.89 1.17 -5.56
N GLY A 130 8.13 1.87 -4.45
CA GLY A 130 7.97 3.31 -4.47
C GLY A 130 8.15 3.90 -3.08
N HIS A 131 7.73 5.15 -2.93
CA HIS A 131 7.87 5.82 -1.65
C HIS A 131 6.92 7.00 -1.57
N VAL A 132 6.74 7.48 -0.33
CA VAL A 132 5.89 8.64 -0.06
C VAL A 132 6.58 9.93 -0.50
N ILE A 133 5.91 10.68 -1.36
CA ILE A 133 6.38 11.99 -1.80
C ILE A 133 5.91 13.07 -0.86
N GLU A 134 4.67 12.96 -0.41
CA GLU A 134 4.01 13.94 0.44
C GLU A 134 2.93 13.20 1.23
N GLY A 135 2.66 13.65 2.43
CA GLY A 135 1.64 13.05 3.25
C GLY A 135 2.13 12.08 4.30
N MET A 136 3.43 12.11 4.62
CA MET A 136 3.91 11.27 5.70
C MET A 136 3.19 11.58 7.00
N ASP A 137 2.76 12.84 7.19
CA ASP A 137 1.98 13.17 8.38
C ASP A 137 0.63 12.44 8.37
N VAL A 138 0.07 12.21 7.19
CA VAL A 138 -1.15 11.42 7.09
C VAL A 138 -0.89 9.97 7.44
N VAL A 139 0.26 9.42 6.98
CA VAL A 139 0.64 8.06 7.36
C VAL A 139 0.79 7.95 8.87
N LYS A 140 1.34 8.98 9.52
CA LYS A 140 1.48 8.97 10.97
C LYS A 140 0.12 9.01 11.67
N LYS A 141 -0.87 9.68 11.07
CA LYS A 141 -2.22 9.66 11.63
C LYS A 141 -2.81 8.26 11.55
N ILE A 142 -2.69 7.61 10.40
CA ILE A 142 -3.11 6.21 10.27
C ILE A 142 -2.45 5.37 11.36
N GLU A 143 -1.13 5.52 11.48
CA GLU A 143 -0.37 4.74 12.46
C GLU A 143 -0.93 4.92 13.87
N SER A 144 -1.37 6.15 14.20
CA SER A 144 -1.85 6.44 15.54
C SER A 144 -3.13 5.67 15.87
N PHE A 145 -3.85 5.17 14.87
CA PHE A 145 -5.03 4.36 15.10
C PHE A 145 -4.75 2.87 15.09
N GLY A 146 -3.47 2.47 15.03
CA GLY A 146 -3.11 1.07 15.07
C GLY A 146 -2.83 0.56 16.47
N SER A 147 -2.32 -0.66 16.54
CA SER A 147 -1.95 -1.28 17.80
C SER A 147 -0.89 -2.34 17.53
N LYS A 148 -0.26 -2.82 18.61
CA LYS A 148 0.74 -3.87 18.44
C LYS A 148 0.13 -5.12 17.79
N SER A 149 -1.14 -5.39 18.06
CA SER A 149 -1.82 -6.51 17.43
C SER A 149 -2.14 -6.27 15.96
N GLY A 150 -1.99 -5.05 15.46
CA GLY A 150 -2.40 -4.70 14.12
C GLY A 150 -3.84 -4.23 14.00
N ARG A 151 -4.68 -4.52 14.99
CA ARG A 151 -6.07 -4.09 14.91
C ARG A 151 -6.19 -2.58 15.09
N THR A 152 -7.01 -1.95 14.26
CA THR A 152 -7.20 -0.51 14.32
C THR A 152 -8.33 -0.15 15.27
N SER A 153 -8.21 1.01 15.90
CA SER A 153 -9.23 1.52 16.83
C SER A 153 -10.32 2.31 16.11
N LYS A 154 -10.10 2.67 14.85
CA LYS A 154 -11.10 3.26 13.99
CA LYS A 154 -11.10 3.26 13.99
C LYS A 154 -11.00 2.58 12.63
N LYS A 155 -12.08 2.67 11.85
CA LYS A 155 -12.10 2.08 10.52
C LYS A 155 -11.39 3.02 9.55
N ILE A 156 -10.26 2.58 9.01
N ILE A 156 -10.26 2.59 9.02
CA ILE A 156 -9.39 3.39 8.16
CA ILE A 156 -9.40 3.40 8.16
C ILE A 156 -9.67 3.01 6.71
C ILE A 156 -9.70 2.99 6.72
N VAL A 157 -10.25 3.92 5.95
CA VAL A 157 -10.73 3.64 4.59
C VAL A 157 -10.01 4.53 3.58
N ILE A 158 -9.60 3.93 2.46
CA ILE A 158 -9.18 4.68 1.27
C ILE A 158 -10.45 5.12 0.56
N THR A 159 -10.87 6.36 0.80
CA THR A 159 -12.12 6.84 0.22
C THR A 159 -11.96 7.16 -1.26
N ASP A 160 -10.78 7.59 -1.68
CA ASP A 160 -10.51 7.93 -3.06
CA ASP A 160 -10.52 7.92 -3.06
C ASP A 160 -9.04 7.66 -3.36
N CYS A 161 -8.75 7.44 -4.63
CA CYS A 161 -7.37 7.22 -5.06
C CYS A 161 -7.30 7.44 -6.56
N GLY A 162 -6.09 7.66 -7.07
CA GLY A 162 -5.94 7.94 -8.48
C GLY A 162 -4.51 8.32 -8.83
N GLN A 163 -4.36 8.87 -10.03
CA GLN A 163 -3.05 9.23 -10.58
C GLN A 163 -2.98 10.74 -10.80
N LEU A 164 -1.85 11.34 -10.41
CA LEU A 164 -1.60 12.78 -10.58
C LEU A 164 -0.75 13.12 -11.79
N SER A 165 0.21 12.27 -12.14
CA SER A 165 1.05 12.45 -13.33
C SER A 165 1.80 11.16 -13.63
#